data_9E36
#
_entry.id   9E36
#
_cell.length_a   68.523
_cell.length_b   85.607
_cell.length_c   113.799
_cell.angle_alpha   90.000
_cell.angle_beta   90.000
_cell.angle_gamma   90.000
#
_symmetry.space_group_name_H-M   'P 21 21 21'
#
loop_
_entity.id
_entity.type
_entity.pdbx_description
1 polymer 'Phosphoenolpyruvate carboxykinase [GTP]'
2 non-polymer "GUANOSINE-5'-TRIPHOSPHATE"
3 non-polymer SULFOPYRUVATE
4 non-polymer 'MANGANESE (II) ION'
5 non-polymer 'MAGNESIUM ION'
6 non-polymer 'TRIETHYLENE GLYCOL'
7 non-polymer 'PENTAETHYLENE GLYCOL'
8 water water
#
_entity_poly.entity_id   1
_entity_poly.type   'polypeptide(L)'
_entity_poly.pdbx_seq_one_letter_code
;MNQPAMQGLNLNTPAYVKNAKLIAWVADMVALCKPDTVYWCDGSDAEYQRLCQQLVDAGTFKKLNEAKRPNSYLACSDPS
DVARVEDRTYICSAKEENAGPTNNWMEPSEMRATLQPLFDGCMRGRTMYVVPFSMGPLGSPIAHIGIELSDSPYVAVNMK
IMTRMGKAVFEVLGTEGDFVPCVHTVGAPLAEGEQDVTWPCNKTKYIVHYPETREIWSYGSGYGGNALLGKKCFALRIAS
NMGRDEGWLAEHMLILGVTNPEGKKYHVAAAFPSACGKTNFSMLVPPAGFDGWSVTTIGDDIAWIKPAADGKLYAINPEA
GYFGVAPGTNMLTNPNCMLSVRGNTIFTNVALTDDGDVWWEGMEQDAPGKALPDHLIDWQGKDWTPQIAKETGAKAAHPN
SRFTVAATNNPALDSAWDDPKGVAIDAFIFGGRRSTTVPLVTEARSWVEGVYMAATMGSETTAAATGQAGVVRRDPFAML
PFMGYNMSDYFQHWLDLGKKLAASGATLPKIYTTNWFRKGTDGKFVWPGYGENMRVLAWMIDRIEGKGQGEDHVTGISPS
YEDLNWTGLDFSADQFNTVTSIDKAAWLKELELHAELFKQLEHHLPKELGETKAEIERRLAA
;
_entity_poly.pdbx_strand_id   A
#
# COMPACT_ATOMS: atom_id res chain seq x y z
N GLY A 8 -23.44 12.41 30.33
CA GLY A 8 -22.38 11.70 29.66
C GLY A 8 -21.00 12.26 29.98
N LEU A 9 -19.95 11.48 29.68
CA LEU A 9 -18.59 11.90 29.96
C LEU A 9 -18.26 13.22 29.24
N ASN A 10 -17.49 14.07 29.90
CA ASN A 10 -17.08 15.33 29.30
C ASN A 10 -16.23 15.07 28.06
N LEU A 11 -16.70 15.52 26.91
CA LEU A 11 -15.99 15.27 25.66
C LEU A 11 -14.80 16.18 25.47
N ASN A 12 -14.73 17.32 26.17
CA ASN A 12 -13.67 18.30 25.97
C ASN A 12 -13.66 18.79 24.52
N THR A 13 -14.85 18.96 23.95
CA THR A 13 -15.00 19.36 22.55
C THR A 13 -14.41 20.74 22.31
N PRO A 14 -13.44 20.90 21.42
CA PRO A 14 -12.91 22.24 21.12
C PRO A 14 -13.97 23.16 20.55
N ALA A 15 -13.74 24.46 20.73
CA ALA A 15 -14.66 25.47 20.24
C ALA A 15 -14.75 25.48 18.72
N TYR A 16 -13.69 25.05 18.02
CA TYR A 16 -13.70 25.08 16.56
C TYR A 16 -14.50 23.93 15.94
N VAL A 17 -15.02 23.00 16.73
CA VAL A 17 -15.86 21.92 16.21
C VAL A 17 -17.31 22.41 16.18
N LYS A 18 -17.82 22.64 14.97
CA LYS A 18 -19.14 23.23 14.77
C LYS A 18 -20.17 22.23 14.25
N ASN A 19 -19.85 20.94 14.27
CA ASN A 19 -20.64 19.91 13.60
C ASN A 19 -21.42 19.11 14.64
N ALA A 20 -22.73 19.40 14.77
CA ALA A 20 -23.52 18.77 15.82
C ALA A 20 -23.59 17.27 15.64
N LYS A 21 -23.74 16.80 14.39
CA LYS A 21 -23.86 15.37 14.16
C LYS A 21 -22.57 14.65 14.52
N LEU A 22 -21.42 15.25 14.20
CA LEU A 22 -20.15 14.66 14.60
C LEU A 22 -20.06 14.53 16.13
N ILE A 23 -20.40 15.60 16.84
CA ILE A 23 -20.28 15.58 18.29
C ILE A 23 -21.19 14.51 18.88
N ALA A 24 -22.41 14.38 18.35
CA ALA A 24 -23.34 13.35 18.81
C ALA A 24 -22.79 11.95 18.58
N TRP A 25 -22.12 11.73 17.44
CA TRP A 25 -21.54 10.42 17.17
C TRP A 25 -20.40 10.12 18.15
N VAL A 26 -19.53 11.09 18.42
CA VAL A 26 -18.50 10.90 19.43
C VAL A 26 -19.13 10.54 20.78
N ALA A 27 -20.13 11.32 21.20
CA ALA A 27 -20.81 11.02 22.47
C ALA A 27 -21.30 9.57 22.50
N ASP A 28 -21.91 9.09 21.41
CA ASP A 28 -22.40 7.72 21.35
C ASP A 28 -21.26 6.71 21.46
N MET A 29 -20.14 6.97 20.79
CA MET A 29 -19.02 6.05 20.88
C MET A 29 -18.34 6.09 22.24
N VAL A 30 -18.33 7.26 22.89
CA VAL A 30 -17.79 7.35 24.25
C VAL A 30 -18.66 6.59 25.24
N ALA A 31 -19.98 6.65 25.05
CA ALA A 31 -20.89 5.88 25.89
C ALA A 31 -20.67 4.38 25.73
N LEU A 32 -20.34 3.96 24.50
CA LEU A 32 -20.06 2.55 24.24
C LEU A 32 -18.69 2.13 24.76
N CYS A 33 -17.63 2.81 24.32
CA CYS A 33 -16.27 2.39 24.62
C CYS A 33 -15.83 2.77 26.02
N LYS A 34 -16.45 3.80 26.61
CA LYS A 34 -16.22 4.20 27.99
C LYS A 34 -14.75 4.51 28.30
N PRO A 35 -14.07 5.36 27.53
CA PRO A 35 -12.71 5.77 27.90
C PRO A 35 -12.73 6.58 29.19
N ASP A 36 -11.57 6.61 29.85
CA ASP A 36 -11.43 7.48 31.02
C ASP A 36 -11.55 8.94 30.62
N THR A 37 -10.93 9.34 29.52
CA THR A 37 -10.91 10.72 29.08
C THR A 37 -10.93 10.76 27.56
N VAL A 38 -11.24 11.94 27.04
CA VAL A 38 -11.30 12.20 25.60
C VAL A 38 -10.34 13.34 25.27
N TYR A 39 -9.53 13.14 24.23
CA TYR A 39 -8.61 14.17 23.75
C TYR A 39 -8.78 14.34 22.25
N TRP A 40 -8.98 15.59 21.83
CA TRP A 40 -9.16 15.93 20.42
C TRP A 40 -7.82 16.38 19.85
N CYS A 41 -7.34 15.66 18.82
CA CYS A 41 -6.05 15.98 18.23
C CYS A 41 -6.18 17.19 17.29
N ASP A 42 -5.34 18.20 17.51
CA ASP A 42 -5.36 19.40 16.67
C ASP A 42 -4.35 19.33 15.53
N GLY A 43 -3.49 18.32 15.52
CA GLY A 43 -2.59 18.11 14.41
C GLY A 43 -1.34 18.96 14.43
N SER A 44 -1.12 19.75 15.48
CA SER A 44 0.02 20.66 15.50
C SER A 44 1.32 19.88 15.69
N ASP A 45 2.43 20.52 15.31
CA ASP A 45 3.74 19.94 15.59
C ASP A 45 3.97 19.79 17.09
N ALA A 46 3.53 20.78 17.87
CA ALA A 46 3.72 20.73 19.31
C ALA A 46 2.99 19.55 19.94
N GLU A 47 1.75 19.32 19.51
CA GLU A 47 1.00 18.16 19.98
C GLU A 47 1.70 16.85 19.59
N TYR A 48 2.22 16.78 18.37
CA TYR A 48 2.95 15.58 17.94
C TYR A 48 4.09 15.28 18.90
N GLN A 49 4.88 16.31 19.23
CA GLN A 49 5.99 16.12 20.16
C GLN A 49 5.51 15.65 21.52
N ARG A 50 4.44 16.26 22.04
N ARG A 50 4.44 16.26 22.04
CA ARG A 50 3.89 15.83 23.33
CA ARG A 50 3.90 15.82 23.33
C ARG A 50 3.43 14.38 23.27
C ARG A 50 3.41 14.38 23.28
N LEU A 51 2.72 13.99 22.20
CA LEU A 51 2.27 12.61 22.09
C LEU A 51 3.45 11.65 21.95
N CYS A 52 4.50 12.05 21.22
CA CYS A 52 5.68 11.21 21.15
C CYS A 52 6.32 11.04 22.52
N GLN A 53 6.37 12.12 23.30
N GLN A 53 6.37 12.12 23.30
CA GLN A 53 6.94 12.03 24.65
CA GLN A 53 6.93 12.06 24.65
C GLN A 53 6.09 11.12 25.53
C GLN A 53 6.09 11.14 25.54
N GLN A 54 4.77 11.18 25.36
CA GLN A 54 3.89 10.28 26.07
C GLN A 54 4.16 8.82 25.70
N LEU A 55 4.41 8.57 24.41
CA LEU A 55 4.75 7.21 23.99
C LEU A 55 6.12 6.78 24.53
N VAL A 56 7.05 7.72 24.68
CA VAL A 56 8.33 7.38 25.27
C VAL A 56 8.16 6.99 26.74
N ASP A 57 7.30 7.72 27.45
CA ASP A 57 7.07 7.39 28.87
C ASP A 57 6.39 6.03 29.03
N ALA A 58 5.54 5.64 28.10
CA ALA A 58 4.90 4.34 28.18
C ALA A 58 5.81 3.19 27.80
N GLY A 59 7.00 3.48 27.25
CA GLY A 59 7.87 2.45 26.74
C GLY A 59 7.54 1.98 25.34
N THR A 60 6.53 2.57 24.71
CA THR A 60 6.15 2.18 23.36
C THR A 60 7.16 2.70 22.35
N PHE A 61 7.65 3.92 22.57
CA PHE A 61 8.68 4.55 21.75
C PHE A 61 10.00 4.56 22.50
N LYS A 62 11.10 4.38 21.77
CA LYS A 62 12.41 4.84 22.22
C LYS A 62 12.81 6.01 21.34
N LYS A 63 13.28 7.09 21.95
CA LYS A 63 13.76 8.21 21.16
C LYS A 63 15.15 7.88 20.62
N LEU A 64 15.32 8.06 19.32
CA LEU A 64 16.60 7.76 18.70
C LEU A 64 17.59 8.90 18.96
N ASN A 65 18.88 8.55 18.84
CA ASN A 65 19.97 9.50 18.98
C ASN A 65 19.77 10.70 18.07
N GLU A 66 19.66 11.89 18.66
CA GLU A 66 19.31 13.07 17.88
C GLU A 66 20.41 13.44 16.87
N ALA A 67 21.67 13.06 17.15
CA ALA A 67 22.74 13.37 16.21
C ALA A 67 22.72 12.45 15.01
N LYS A 68 22.19 11.24 15.14
CA LYS A 68 22.17 10.28 14.05
C LYS A 68 20.84 10.21 13.31
N ARG A 69 19.75 10.59 13.95
CA ARG A 69 18.40 10.39 13.46
C ARG A 69 17.47 11.42 14.13
N PRO A 70 17.55 12.70 13.73
CA PRO A 70 16.84 13.75 14.47
C PRO A 70 15.34 13.54 14.54
N ASN A 71 14.77 13.88 15.69
CA ASN A 71 13.33 13.82 15.97
C ASN A 71 12.69 12.54 15.44
N SER A 72 13.30 11.41 15.78
CA SER A 72 12.81 10.12 15.30
C SER A 72 12.68 9.14 16.46
N TYR A 73 11.81 8.13 16.26
CA TYR A 73 11.38 7.24 17.32
C TYR A 73 11.31 5.82 16.79
N LEU A 74 11.50 4.86 17.71
CA LEU A 74 11.44 3.44 17.40
C LEU A 74 10.39 2.79 18.29
N ALA A 75 9.42 2.12 17.67
CA ALA A 75 8.43 1.31 18.35
C ALA A 75 8.65 -0.16 18.00
N CYS A 76 8.46 -1.05 18.98
CA CYS A 76 8.43 -2.48 18.72
C CYS A 76 7.10 -3.04 19.22
N SER A 77 6.50 -3.92 18.42
CA SER A 77 5.17 -4.43 18.72
C SER A 77 5.21 -5.85 19.25
N ASP A 78 4.09 -6.25 19.83
CA ASP A 78 3.86 -7.64 20.21
C ASP A 78 4.01 -8.55 18.99
N PRO A 79 4.67 -9.71 19.12
CA PRO A 79 4.86 -10.58 17.95
C PRO A 79 3.57 -11.10 17.35
N SER A 80 2.45 -11.05 18.08
CA SER A 80 1.17 -11.39 17.47
C SER A 80 0.59 -10.26 16.62
N ASP A 81 1.23 -9.08 16.59
CA ASP A 81 0.65 -7.89 15.97
C ASP A 81 1.71 -7.16 15.14
N VAL A 82 2.08 -7.78 14.02
CA VAL A 82 3.18 -7.33 13.17
C VAL A 82 2.74 -7.12 11.73
N ALA A 83 1.48 -7.38 11.40
CA ALA A 83 1.02 -7.34 10.01
C ALA A 83 -0.50 -7.33 9.97
N ARG A 84 -1.03 -7.11 8.77
CA ARG A 84 -2.46 -7.23 8.56
C ARG A 84 -2.92 -8.67 8.79
N VAL A 85 -4.18 -8.81 9.21
CA VAL A 85 -4.79 -10.12 9.42
C VAL A 85 -5.97 -10.22 8.46
N GLU A 86 -5.70 -10.80 7.28
CA GLU A 86 -6.72 -10.83 6.23
C GLU A 86 -7.92 -11.69 6.62
N ASP A 87 -7.69 -12.77 7.38
CA ASP A 87 -8.79 -13.63 7.79
C ASP A 87 -9.72 -12.97 8.80
N ARG A 88 -9.30 -11.87 9.42
CA ARG A 88 -10.10 -11.18 10.41
C ARG A 88 -10.69 -9.88 9.86
N THR A 89 -10.59 -9.67 8.54
CA THR A 89 -11.02 -8.45 7.88
C THR A 89 -12.28 -8.76 7.08
N TYR A 90 -13.34 -7.97 7.28
CA TYR A 90 -14.67 -8.28 6.75
C TYR A 90 -15.28 -7.14 5.96
N ILE A 91 -15.98 -7.50 4.89
CA ILE A 91 -16.86 -6.60 4.15
C ILE A 91 -18.27 -7.03 4.49
N CYS A 92 -18.95 -6.27 5.36
CA CYS A 92 -20.30 -6.63 5.80
C CYS A 92 -21.32 -5.80 5.02
N SER A 93 -21.45 -6.14 3.74
CA SER A 93 -22.50 -5.59 2.91
C SER A 93 -23.85 -6.21 3.28
N ALA A 94 -24.92 -5.52 2.88
CA ALA A 94 -26.27 -6.03 3.13
C ALA A 94 -26.46 -7.41 2.52
N LYS A 95 -26.00 -7.60 1.28
CA LYS A 95 -26.07 -8.88 0.59
C LYS A 95 -24.66 -9.46 0.44
N GLU A 96 -24.56 -10.78 0.66
CA GLU A 96 -23.27 -11.45 0.58
C GLU A 96 -22.65 -11.32 -0.81
N GLU A 97 -23.48 -11.29 -1.86
CA GLU A 97 -22.96 -11.20 -3.22
C GLU A 97 -22.29 -9.85 -3.51
N ASN A 98 -22.54 -8.83 -2.69
CA ASN A 98 -21.82 -7.56 -2.84
C ASN A 98 -20.56 -7.52 -1.99
N ALA A 99 -20.22 -8.60 -1.30
CA ALA A 99 -18.87 -8.79 -0.80
C ALA A 99 -18.05 -9.66 -1.74
N GLY A 100 -18.63 -10.79 -2.16
CA GLY A 100 -18.04 -11.63 -3.16
C GLY A 100 -17.04 -12.63 -2.61
N PRO A 101 -16.58 -13.52 -3.48
CA PRO A 101 -15.74 -14.63 -3.03
C PRO A 101 -14.36 -14.23 -2.54
N THR A 102 -13.85 -13.05 -2.90
CA THR A 102 -12.54 -12.64 -2.41
C THR A 102 -12.61 -11.96 -1.04
N ASN A 103 -13.80 -11.76 -0.47
CA ASN A 103 -13.93 -11.09 0.80
C ASN A 103 -14.58 -12.01 1.84
N ASN A 104 -14.32 -11.72 3.12
CA ASN A 104 -15.02 -12.37 4.22
C ASN A 104 -16.28 -11.58 4.51
N TRP A 105 -17.41 -12.28 4.52
CA TRP A 105 -18.70 -11.64 4.71
C TRP A 105 -19.36 -12.16 5.97
N MET A 106 -20.12 -11.28 6.62
CA MET A 106 -21.02 -11.67 7.68
C MET A 106 -22.24 -10.79 7.60
N GLU A 107 -23.41 -11.37 7.85
CA GLU A 107 -24.64 -10.59 7.86
C GLU A 107 -24.47 -9.40 8.80
N PRO A 108 -24.79 -8.18 8.35
CA PRO A 108 -24.42 -6.99 9.15
C PRO A 108 -24.99 -6.99 10.56
N SER A 109 -26.26 -7.38 10.74
CA SER A 109 -26.80 -7.40 12.10
C SER A 109 -26.08 -8.42 12.96
N GLU A 110 -25.59 -9.51 12.36
CA GLU A 110 -24.87 -10.53 13.11
C GLU A 110 -23.47 -10.06 13.47
N MET A 111 -22.83 -9.28 12.60
CA MET A 111 -21.53 -8.70 12.96
C MET A 111 -21.70 -7.64 14.04
N ARG A 112 -22.74 -6.81 13.92
CA ARG A 112 -22.96 -5.79 14.93
C ARG A 112 -23.17 -6.39 16.31
N ALA A 113 -23.88 -7.53 16.38
CA ALA A 113 -24.08 -8.20 17.66
C ALA A 113 -22.80 -8.87 18.15
N THR A 114 -21.89 -9.21 17.24
CA THR A 114 -20.60 -9.76 17.62
C THR A 114 -19.68 -8.68 18.18
N LEU A 115 -19.67 -7.50 17.55
CA LEU A 115 -18.73 -6.46 17.93
C LEU A 115 -19.18 -5.65 19.13
N GLN A 116 -20.49 -5.52 19.34
CA GLN A 116 -20.98 -4.65 20.41
C GLN A 116 -20.42 -5.04 21.78
N PRO A 117 -20.43 -6.31 22.19
CA PRO A 117 -19.82 -6.65 23.49
C PRO A 117 -18.31 -6.49 23.52
N LEU A 118 -17.62 -6.57 22.38
CA LEU A 118 -16.18 -6.34 22.37
C LEU A 118 -15.86 -4.86 22.56
N PHE A 119 -16.63 -3.98 21.91
CA PHE A 119 -16.37 -2.55 22.05
C PHE A 119 -16.97 -1.96 23.33
N ASP A 120 -17.94 -2.64 23.94
CA ASP A 120 -18.51 -2.16 25.19
C ASP A 120 -17.43 -2.14 26.28
N GLY A 121 -16.98 -0.96 26.67
CA GLY A 121 -15.95 -0.84 27.68
C GLY A 121 -14.53 -1.12 27.22
N CYS A 122 -14.27 -1.12 25.90
CA CYS A 122 -12.94 -1.48 25.43
C CYS A 122 -11.88 -0.47 25.84
N MET A 123 -12.26 0.77 26.11
CA MET A 123 -11.30 1.83 26.39
C MET A 123 -11.25 2.20 27.86
N ARG A 124 -11.77 1.35 28.75
CA ARG A 124 -11.64 1.64 30.18
C ARG A 124 -10.16 1.73 30.54
N GLY A 125 -9.81 2.76 31.32
CA GLY A 125 -8.43 2.96 31.71
C GLY A 125 -7.57 3.67 30.69
N ARG A 126 -8.12 4.06 29.55
CA ARG A 126 -7.35 4.67 28.47
C ARG A 126 -8.00 5.97 28.03
N THR A 127 -7.25 6.74 27.25
CA THR A 127 -7.75 7.94 26.59
C THR A 127 -8.28 7.59 25.21
N MET A 128 -9.43 8.16 24.86
CA MET A 128 -9.89 8.13 23.46
C MET A 128 -9.35 9.35 22.74
N TYR A 129 -8.57 9.12 21.69
CA TYR A 129 -8.06 10.20 20.85
C TYR A 129 -8.99 10.39 19.66
N VAL A 130 -9.44 11.63 19.47
CA VAL A 130 -10.28 11.97 18.32
C VAL A 130 -9.35 12.49 17.24
N VAL A 131 -9.20 11.74 16.17
CA VAL A 131 -8.22 12.02 15.12
C VAL A 131 -8.94 12.44 13.85
N PRO A 132 -9.12 13.74 13.61
CA PRO A 132 -9.79 14.19 12.38
C PRO A 132 -8.79 14.21 11.23
N PHE A 133 -9.22 13.78 10.04
CA PHE A 133 -8.27 13.73 8.94
C PHE A 133 -8.96 13.89 7.61
N SER A 134 -8.20 14.39 6.63
CA SER A 134 -8.64 14.49 5.25
C SER A 134 -7.80 13.56 4.40
N MET A 135 -8.47 12.73 3.60
CA MET A 135 -7.80 11.97 2.55
C MET A 135 -7.95 12.77 1.27
N GLY A 136 -6.82 13.19 0.70
CA GLY A 136 -6.80 14.18 -0.35
C GLY A 136 -6.55 15.55 0.25
N PRO A 137 -6.07 16.51 -0.56
CA PRO A 137 -5.80 17.86 -0.03
C PRO A 137 -7.02 18.51 0.62
N LEU A 138 -6.78 19.20 1.74
CA LEU A 138 -7.83 19.76 2.56
C LEU A 138 -8.72 20.70 1.75
N GLY A 139 -10.03 20.43 1.78
CA GLY A 139 -10.99 21.31 1.16
C GLY A 139 -11.08 21.20 -0.35
N SER A 140 -10.36 20.26 -0.96
CA SER A 140 -10.40 20.10 -2.41
C SER A 140 -11.62 19.29 -2.82
N PRO A 141 -12.08 19.46 -4.08
CA PRO A 141 -13.32 18.78 -4.50
C PRO A 141 -13.23 17.27 -4.45
N ILE A 142 -12.02 16.69 -4.48
CA ILE A 142 -11.87 15.24 -4.50
C ILE A 142 -11.58 14.64 -3.12
N ALA A 143 -11.44 15.46 -2.07
CA ALA A 143 -11.05 14.96 -0.75
C ALA A 143 -12.26 14.48 0.05
N HIS A 144 -12.00 13.54 0.95
CA HIS A 144 -13.01 13.06 1.88
C HIS A 144 -12.46 13.13 3.28
N ILE A 145 -13.31 13.50 4.22
CA ILE A 145 -12.91 13.66 5.61
C ILE A 145 -13.34 12.44 6.42
N GLY A 146 -12.44 11.97 7.27
CA GLY A 146 -12.75 10.91 8.20
C GLY A 146 -12.48 11.39 9.61
N ILE A 147 -13.10 10.73 10.58
CA ILE A 147 -12.79 10.90 12.00
C ILE A 147 -12.52 9.53 12.56
N GLU A 148 -11.29 9.31 13.05
CA GLU A 148 -10.97 8.05 13.70
C GLU A 148 -10.91 8.28 15.21
N LEU A 149 -11.67 7.49 15.95
CA LEU A 149 -11.53 7.41 17.40
C LEU A 149 -10.62 6.26 17.72
N SER A 150 -9.57 6.50 18.51
CA SER A 150 -8.62 5.45 18.82
C SER A 150 -8.18 5.58 20.27
N ASP A 151 -7.87 4.46 20.91
CA ASP A 151 -7.27 4.50 22.23
C ASP A 151 -5.76 4.35 22.17
N SER A 152 -5.17 4.53 20.99
CA SER A 152 -3.75 4.36 20.76
C SER A 152 -3.11 5.68 20.36
N PRO A 153 -2.23 6.27 21.17
CA PRO A 153 -1.48 7.45 20.70
C PRO A 153 -0.54 7.13 19.56
N TYR A 154 -0.09 5.87 19.42
CA TYR A 154 0.70 5.51 18.26
C TYR A 154 -0.08 5.73 16.97
N VAL A 155 -1.36 5.38 16.96
CA VAL A 155 -2.22 5.67 15.82
C VAL A 155 -2.26 7.17 15.56
N ALA A 156 -2.41 7.96 16.62
CA ALA A 156 -2.55 9.40 16.44
C ALA A 156 -1.32 10.01 15.77
N VAL A 157 -0.11 9.64 16.22
CA VAL A 157 1.08 10.29 15.65
C VAL A 157 1.35 9.77 14.26
N ASN A 158 1.06 8.50 13.99
CA ASN A 158 1.23 8.00 12.64
C ASN A 158 0.21 8.60 11.69
N MET A 159 -1.01 8.88 12.17
CA MET A 159 -2.00 9.54 11.31
C MET A 159 -1.58 10.97 10.99
N LYS A 160 -0.92 11.65 11.92
CA LYS A 160 -0.39 12.99 11.65
C LYS A 160 0.53 12.97 10.43
N ILE A 161 1.30 11.90 10.26
CA ILE A 161 2.23 11.84 9.13
C ILE A 161 1.52 11.37 7.88
N MET A 162 0.63 10.38 8.02
CA MET A 162 0.10 9.70 6.85
C MET A 162 -1.09 10.39 6.21
N THR A 163 -1.72 11.33 6.93
CA THR A 163 -2.92 12.03 6.47
C THR A 163 -2.76 13.51 6.75
N ARG A 164 -3.71 14.30 6.26
CA ARG A 164 -3.82 15.71 6.67
C ARG A 164 -4.70 15.74 7.89
N MET A 165 -4.10 15.92 9.05
CA MET A 165 -4.75 15.61 10.31
C MET A 165 -4.89 16.87 11.15
N GLY A 166 -6.05 17.02 11.80
CA GLY A 166 -6.17 17.92 12.93
C GLY A 166 -7.25 18.99 12.73
N LYS A 167 -7.04 20.14 13.36
CA LYS A 167 -8.12 21.10 13.53
C LYS A 167 -8.59 21.69 12.20
N ALA A 168 -7.71 21.76 11.19
CA ALA A 168 -8.09 22.35 9.90
C ALA A 168 -9.24 21.60 9.23
N VAL A 169 -9.42 20.33 9.58
CA VAL A 169 -10.52 19.52 9.03
C VAL A 169 -11.87 20.11 9.39
N PHE A 170 -11.99 20.74 10.55
CA PHE A 170 -13.30 21.21 10.98
C PHE A 170 -13.74 22.46 10.23
N GLU A 171 -12.81 23.24 9.67
CA GLU A 171 -13.23 24.32 8.77
C GLU A 171 -13.90 23.77 7.52
N VAL A 172 -13.43 22.62 7.03
CA VAL A 172 -14.06 22.02 5.86
C VAL A 172 -15.37 21.35 6.24
N LEU A 173 -15.39 20.62 7.36
CA LEU A 173 -16.63 19.98 7.80
C LEU A 173 -17.74 21.00 8.03
N GLY A 174 -17.40 22.14 8.65
CA GLY A 174 -18.40 23.13 8.93
C GLY A 174 -19.48 22.58 9.85
N THR A 175 -20.70 23.09 9.66
CA THR A 175 -21.80 22.68 10.51
C THR A 175 -22.51 21.44 9.99
N GLU A 176 -22.45 21.18 8.67
CA GLU A 176 -23.27 20.16 8.04
C GLU A 176 -22.47 19.10 7.28
N GLY A 177 -21.16 19.24 7.14
CA GLY A 177 -20.41 18.30 6.35
C GLY A 177 -20.48 16.89 6.90
N ASP A 178 -20.35 15.92 6.00
CA ASP A 178 -20.38 14.52 6.38
C ASP A 178 -18.94 13.99 6.51
N PHE A 179 -18.82 12.88 7.23
CA PHE A 179 -17.50 12.31 7.50
C PHE A 179 -17.63 10.80 7.53
N VAL A 180 -16.52 10.12 7.26
CA VAL A 180 -16.41 8.68 7.39
C VAL A 180 -16.16 8.34 8.86
N PRO A 181 -17.02 7.54 9.49
CA PRO A 181 -16.85 7.23 10.92
C PRO A 181 -16.00 5.98 11.17
N CYS A 182 -14.88 6.16 11.87
CA CYS A 182 -13.91 5.10 12.11
C CYS A 182 -13.70 4.96 13.61
N VAL A 183 -13.82 3.72 14.11
N VAL A 183 -13.82 3.74 14.12
CA VAL A 183 -13.63 3.41 15.52
CA VAL A 183 -13.59 3.48 15.54
C VAL A 183 -12.53 2.37 15.66
C VAL A 183 -12.55 2.38 15.68
N HIS A 184 -11.54 2.64 16.50
CA HIS A 184 -10.41 1.74 16.69
C HIS A 184 -10.11 1.55 18.18
N THR A 185 -9.91 0.30 18.58
CA THR A 185 -9.42 -0.01 19.92
C THR A 185 -8.37 -1.10 19.84
N VAL A 186 -7.32 -0.96 20.65
CA VAL A 186 -6.37 -2.06 20.81
C VAL A 186 -6.98 -3.22 21.58
N GLY A 187 -8.18 -3.05 22.14
CA GLY A 187 -8.86 -4.14 22.81
C GLY A 187 -8.19 -4.62 24.08
N ALA A 188 -7.63 -3.71 24.87
CA ALA A 188 -6.88 -4.09 26.07
C ALA A 188 -7.25 -3.15 27.21
N PRO A 189 -8.52 -3.15 27.61
CA PRO A 189 -8.94 -2.23 28.67
C PRO A 189 -8.16 -2.51 29.95
N LEU A 190 -7.94 -1.45 30.72
CA LEU A 190 -7.09 -1.48 31.90
C LEU A 190 -7.93 -1.28 33.14
N ALA A 191 -7.81 -2.19 34.09
CA ALA A 191 -8.46 -2.01 35.37
C ALA A 191 -7.73 -0.95 36.18
N GLU A 192 -8.40 -0.43 37.20
CA GLU A 192 -7.81 0.58 38.06
C GLU A 192 -6.51 0.04 38.68
N GLY A 193 -5.42 0.76 38.46
CA GLY A 193 -4.13 0.36 38.98
C GLY A 193 -3.39 -0.69 38.19
N GLU A 194 -3.94 -1.16 37.08
CA GLU A 194 -3.26 -2.19 36.30
C GLU A 194 -2.11 -1.58 35.51
N GLN A 195 -0.98 -2.29 35.48
CA GLN A 195 0.17 -1.83 34.72
C GLN A 195 -0.03 -2.16 33.24
N ASP A 196 0.21 -1.19 32.37
CA ASP A 196 0.05 -1.40 30.94
C ASP A 196 1.31 -2.06 30.36
N VAL A 197 1.16 -2.61 29.16
CA VAL A 197 2.28 -3.17 28.41
C VAL A 197 2.73 -2.13 27.39
N THR A 198 3.92 -2.33 26.81
CA THR A 198 4.41 -1.33 25.88
C THR A 198 3.67 -1.37 24.54
N TRP A 199 3.10 -2.52 24.16
CA TRP A 199 2.34 -2.62 22.92
C TRP A 199 1.01 -3.30 23.19
N PRO A 200 0.00 -2.55 23.63
CA PRO A 200 -1.30 -3.17 23.91
C PRO A 200 -1.95 -3.67 22.65
N CYS A 201 -2.52 -4.88 22.73
CA CYS A 201 -3.22 -5.49 21.60
C CYS A 201 -4.03 -6.65 22.15
N ASN A 202 -4.76 -7.31 21.25
CA ASN A 202 -5.57 -8.47 21.60
C ASN A 202 -5.30 -9.56 20.59
N LYS A 203 -5.22 -10.81 21.04
CA LYS A 203 -5.04 -11.87 20.07
C LYS A 203 -6.30 -12.08 19.24
N THR A 204 -7.44 -11.62 19.73
CA THR A 204 -8.69 -11.61 18.97
C THR A 204 -8.80 -10.28 18.22
N LYS A 205 -8.96 -10.37 16.89
CA LYS A 205 -8.94 -9.18 16.05
C LYS A 205 -10.09 -9.21 15.05
N TYR A 206 -10.65 -8.03 14.80
CA TYR A 206 -11.67 -7.82 13.77
C TYR A 206 -11.39 -6.48 13.10
N ILE A 207 -11.47 -6.45 11.77
CA ILE A 207 -11.40 -5.21 11.00
C ILE A 207 -12.60 -5.26 10.08
N VAL A 208 -13.62 -4.44 10.36
CA VAL A 208 -14.94 -4.61 9.77
C VAL A 208 -15.36 -3.33 9.07
N HIS A 209 -15.90 -3.49 7.85
CA HIS A 209 -16.37 -2.39 7.02
C HIS A 209 -17.85 -2.63 6.73
N TYR A 210 -18.67 -1.61 6.98
CA TYR A 210 -20.07 -1.64 6.57
C TYR A 210 -20.25 -0.65 5.43
N PRO A 211 -20.27 -1.10 4.17
CA PRO A 211 -20.24 -0.15 3.04
C PRO A 211 -21.45 0.77 2.96
N GLU A 212 -22.64 0.29 3.34
CA GLU A 212 -23.84 1.12 3.22
C GLU A 212 -23.79 2.36 4.11
N THR A 213 -23.10 2.28 5.24
CA THR A 213 -22.97 3.39 6.17
C THR A 213 -21.57 3.98 6.18
N ARG A 214 -20.63 3.39 5.43
CA ARG A 214 -19.22 3.75 5.42
C ARG A 214 -18.55 3.63 6.79
N GLU A 215 -19.10 2.80 7.67
CA GLU A 215 -18.52 2.61 8.99
C GLU A 215 -17.33 1.67 8.94
N ILE A 216 -16.29 2.00 9.69
CA ILE A 216 -15.13 1.15 9.87
C ILE A 216 -14.95 0.91 11.37
N TRP A 217 -14.82 -0.36 11.75
CA TRP A 217 -14.59 -0.78 13.13
C TRP A 217 -13.36 -1.66 13.19
N SER A 218 -12.42 -1.35 14.06
CA SER A 218 -11.19 -2.13 14.16
C SER A 218 -10.93 -2.47 15.62
N TYR A 219 -10.72 -3.75 15.90
CA TYR A 219 -10.55 -4.26 17.27
C TYR A 219 -9.32 -5.14 17.36
N GLY A 220 -8.40 -4.81 18.30
CA GLY A 220 -7.39 -5.74 18.75
C GLY A 220 -6.00 -5.52 18.20
N SER A 221 -5.83 -4.76 17.13
CA SER A 221 -4.53 -4.54 16.54
C SER A 221 -4.16 -3.07 16.63
N GLY A 222 -2.89 -2.81 16.91
CA GLY A 222 -2.36 -1.47 16.82
C GLY A 222 -1.50 -1.24 15.59
N TYR A 223 -1.45 -2.20 14.67
CA TYR A 223 -0.43 -2.22 13.64
C TYR A 223 -0.96 -1.69 12.30
N GLY A 224 -0.20 -0.77 11.71
CA GLY A 224 -0.37 -0.34 10.32
C GLY A 224 -1.76 -0.34 9.72
N GLY A 225 -1.95 -1.16 8.69
CA GLY A 225 -3.21 -1.14 7.96
C GLY A 225 -4.40 -1.64 8.75
N ASN A 226 -4.18 -2.33 9.88
CA ASN A 226 -5.31 -2.69 10.73
C ASN A 226 -5.84 -1.50 11.52
N ALA A 227 -5.01 -0.48 11.75
CA ALA A 227 -5.31 0.52 12.77
C ALA A 227 -5.25 1.96 12.26
N LEU A 228 -4.48 2.22 11.20
CA LEU A 228 -4.51 3.53 10.54
C LEU A 228 -5.64 3.48 9.52
N LEU A 229 -6.85 3.83 9.97
CA LEU A 229 -8.04 3.46 9.22
C LEU A 229 -8.27 4.32 7.98
N GLY A 230 -7.57 5.44 7.85
CA GLY A 230 -7.70 6.21 6.63
C GLY A 230 -7.10 5.53 5.41
N LYS A 231 -6.15 4.62 5.63
CA LYS A 231 -5.30 4.11 4.58
C LYS A 231 -5.97 2.96 3.81
N LYS A 232 -5.87 1.74 4.33
CA LYS A 232 -6.47 0.62 3.59
C LYS A 232 -7.99 0.60 3.76
N CYS A 233 -8.45 0.74 5.00
CA CYS A 233 -9.88 0.59 5.27
C CYS A 233 -10.71 1.64 4.54
N PHE A 234 -10.33 2.91 4.66
CA PHE A 234 -11.13 3.92 3.97
C PHE A 234 -10.68 4.12 2.52
N ALA A 235 -9.40 4.41 2.29
CA ALA A 235 -9.00 4.90 0.98
C ALA A 235 -8.88 3.80 -0.07
N LEU A 236 -8.93 2.53 0.33
CA LEU A 236 -9.16 1.46 -0.64
C LEU A 236 -10.53 0.82 -0.46
N ARG A 237 -10.85 0.25 0.71
CA ARG A 237 -12.05 -0.59 0.80
C ARG A 237 -13.33 0.25 0.68
N ILE A 238 -13.46 1.28 1.50
CA ILE A 238 -14.68 2.09 1.40
C ILE A 238 -14.66 2.91 0.12
N ALA A 239 -13.50 3.48 -0.23
CA ALA A 239 -13.43 4.33 -1.42
C ALA A 239 -13.71 3.56 -2.70
N SER A 240 -13.28 2.29 -2.79
CA SER A 240 -13.55 1.53 -4.02
C SER A 240 -15.06 1.41 -4.24
N ASN A 241 -15.82 1.23 -3.16
CA ASN A 241 -17.28 1.23 -3.22
C ASN A 241 -17.82 2.56 -3.72
N MET A 242 -17.35 3.66 -3.14
CA MET A 242 -17.79 4.97 -3.61
C MET A 242 -17.46 5.17 -5.07
N GLY A 243 -16.27 4.77 -5.49
CA GLY A 243 -15.90 4.94 -6.89
C GLY A 243 -16.77 4.13 -7.83
N ARG A 244 -17.14 2.92 -7.42
N ARG A 244 -17.13 2.90 -7.44
CA ARG A 244 -18.04 2.10 -8.23
CA ARG A 244 -18.04 2.15 -8.30
C ARG A 244 -19.37 2.79 -8.45
C ARG A 244 -19.34 2.91 -8.50
N ASP A 245 -19.86 3.49 -7.42
CA ASP A 245 -21.14 4.19 -7.54
C ASP A 245 -21.03 5.48 -8.34
N GLU A 246 -19.87 6.14 -8.30
CA GLU A 246 -19.74 7.51 -8.78
C GLU A 246 -18.83 7.64 -10.00
N GLY A 247 -18.32 6.54 -10.53
CA GLY A 247 -17.51 6.58 -11.74
C GLY A 247 -16.04 6.84 -11.57
N TRP A 248 -15.42 6.39 -10.47
CA TRP A 248 -13.98 6.56 -10.28
C TRP A 248 -13.40 5.31 -9.63
N LEU A 249 -12.07 5.30 -9.48
CA LEU A 249 -11.33 4.12 -9.04
C LEU A 249 -10.51 4.45 -7.82
N ALA A 250 -10.43 3.50 -6.89
CA ALA A 250 -9.48 3.54 -5.78
C ALA A 250 -8.61 2.29 -5.91
N GLU A 251 -7.31 2.49 -6.06
CA GLU A 251 -6.44 1.41 -6.53
C GLU A 251 -5.19 1.34 -5.66
N HIS A 252 -4.67 0.13 -5.51
CA HIS A 252 -3.43 -0.12 -4.75
C HIS A 252 -2.24 0.13 -5.68
N MET A 253 -2.03 1.41 -6.01
CA MET A 253 -1.10 1.80 -7.05
C MET A 253 -0.22 2.97 -6.63
N LEU A 254 1.06 2.88 -6.99
CA LEU A 254 1.91 4.06 -6.96
C LEU A 254 1.54 4.97 -8.12
N ILE A 255 1.93 6.23 -8.02
CA ILE A 255 1.85 7.19 -9.14
C ILE A 255 3.20 7.89 -9.23
N LEU A 256 3.83 7.84 -10.41
CA LEU A 256 5.10 8.53 -10.58
C LEU A 256 5.09 9.34 -11.85
N GLY A 257 5.96 10.36 -11.87
CA GLY A 257 6.26 11.10 -13.09
C GLY A 257 7.65 10.73 -13.57
N VAL A 258 7.82 10.70 -14.89
CA VAL A 258 9.14 10.44 -15.47
C VAL A 258 9.34 11.41 -16.62
N THR A 259 10.49 12.08 -16.61
N THR A 259 10.49 12.09 -16.61
CA THR A 259 10.86 13.03 -17.66
CA THR A 259 10.85 13.04 -17.66
C THR A 259 12.07 12.51 -18.39
C THR A 259 12.07 12.51 -18.39
N ASN A 260 12.00 12.50 -19.72
CA ASN A 260 13.11 12.01 -20.54
C ASN A 260 14.04 13.17 -20.91
N PRO A 261 15.19 12.88 -21.52
CA PRO A 261 16.15 13.98 -21.81
C PRO A 261 15.62 15.02 -22.78
N GLU A 262 14.55 14.73 -23.52
CA GLU A 262 13.93 15.73 -24.38
C GLU A 262 12.95 16.62 -23.61
N GLY A 263 12.81 16.42 -22.31
CA GLY A 263 11.94 17.24 -21.48
C GLY A 263 10.48 16.86 -21.52
N LYS A 264 10.11 15.76 -22.18
CA LYS A 264 8.74 15.28 -22.16
C LYS A 264 8.48 14.54 -20.84
N LYS A 265 7.36 14.81 -20.20
CA LYS A 265 7.04 14.19 -18.91
C LYS A 265 5.82 13.30 -19.07
N TYR A 266 5.90 12.08 -18.53
CA TYR A 266 4.79 11.14 -18.54
C TYR A 266 4.50 10.70 -17.12
N HIS A 267 3.28 10.20 -16.88
CA HIS A 267 2.92 9.66 -15.57
C HIS A 267 2.43 8.23 -15.72
N VAL A 268 2.86 7.39 -14.79
CA VAL A 268 2.42 6.00 -14.81
CA VAL A 268 2.55 5.96 -14.77
C VAL A 268 1.94 5.61 -13.42
N ALA A 269 0.97 4.70 -13.41
CA ALA A 269 0.40 4.15 -12.21
C ALA A 269 0.68 2.65 -12.21
N ALA A 270 1.15 2.10 -11.10
CA ALA A 270 1.57 0.71 -11.08
C ALA A 270 1.01 0.01 -9.84
N ALA A 271 0.32 -1.10 -10.05
CA ALA A 271 -0.26 -1.92 -9.00
C ALA A 271 0.61 -3.16 -8.82
N PHE A 272 1.39 -3.18 -7.76
CA PHE A 272 2.05 -4.40 -7.31
C PHE A 272 1.46 -4.78 -5.95
N PRO A 273 1.38 -6.05 -5.61
CA PRO A 273 0.81 -6.44 -4.31
C PRO A 273 1.65 -5.94 -3.14
N SER A 274 1.07 -6.09 -1.94
CA SER A 274 1.75 -5.69 -0.72
C SER A 274 3.15 -6.29 -0.66
N ALA A 275 4.13 -5.45 -0.31
CA ALA A 275 5.54 -5.81 -0.22
C ALA A 275 6.07 -6.43 -1.51
N CYS A 276 5.60 -5.91 -2.66
CA CYS A 276 6.08 -6.40 -3.95
C CYS A 276 6.62 -5.30 -4.87
N GLY A 277 7.02 -4.14 -4.33
CA GLY A 277 7.92 -3.24 -5.06
C GLY A 277 7.42 -1.83 -5.36
N LYS A 278 6.23 -1.42 -4.93
CA LYS A 278 5.71 -0.12 -5.35
C LYS A 278 6.56 1.03 -4.83
N THR A 279 6.81 1.04 -3.51
CA THR A 279 7.54 2.17 -2.96
C THR A 279 8.92 2.28 -3.58
N ASN A 280 9.60 1.15 -3.81
CA ASN A 280 10.91 1.22 -4.43
C ASN A 280 10.83 1.75 -5.86
N PHE A 281 9.79 1.38 -6.61
CA PHE A 281 9.66 1.83 -7.99
C PHE A 281 9.28 3.31 -8.06
N SER A 282 8.43 3.75 -7.12
CA SER A 282 7.84 5.09 -7.15
C SER A 282 8.87 6.20 -6.95
N MET A 283 10.04 5.87 -6.41
CA MET A 283 11.09 6.87 -6.20
C MET A 283 12.43 6.34 -6.68
N LEU A 284 12.43 5.45 -7.66
CA LEU A 284 13.69 4.90 -8.13
C LEU A 284 14.57 6.00 -8.71
N VAL A 285 15.88 5.77 -8.68
CA VAL A 285 16.85 6.71 -9.26
C VAL A 285 17.33 6.10 -10.58
N PRO A 286 17.24 6.81 -11.70
CA PRO A 286 17.69 6.27 -12.96
C PRO A 286 19.16 5.91 -12.88
N PRO A 287 19.53 4.71 -13.28
CA PRO A 287 20.91 4.27 -13.12
C PRO A 287 21.83 4.82 -14.20
N ALA A 288 23.06 4.31 -14.25
CA ALA A 288 23.96 4.65 -15.35
C ALA A 288 23.28 4.40 -16.69
N GLY A 289 23.58 5.26 -17.67
CA GLY A 289 22.94 5.19 -18.96
C GLY A 289 21.74 6.09 -19.15
N PHE A 290 21.25 6.72 -18.08
CA PHE A 290 20.03 7.52 -18.17
C PHE A 290 20.27 8.96 -17.74
N ASP A 291 21.43 9.51 -18.10
CA ASP A 291 21.64 10.93 -17.94
C ASP A 291 20.53 11.72 -18.64
N GLY A 292 19.99 12.73 -17.95
CA GLY A 292 18.91 13.52 -18.49
C GLY A 292 17.52 13.02 -18.14
N TRP A 293 17.39 11.82 -17.56
CA TRP A 293 16.10 11.32 -17.13
C TRP A 293 15.86 11.68 -15.67
N SER A 294 14.59 11.87 -15.30
CA SER A 294 14.29 12.05 -13.89
C SER A 294 12.98 11.34 -13.55
N VAL A 295 12.89 10.85 -12.33
CA VAL A 295 11.72 10.15 -11.83
C VAL A 295 11.28 10.87 -10.56
N THR A 296 9.99 11.20 -10.46
CA THR A 296 9.46 11.89 -9.31
C THR A 296 8.23 11.17 -8.78
N THR A 297 7.97 11.32 -7.49
CA THR A 297 6.96 10.55 -6.78
C THR A 297 5.71 11.38 -6.56
N ILE A 298 4.56 10.89 -7.02
CA ILE A 298 3.29 11.48 -6.62
C ILE A 298 2.72 10.73 -5.41
N GLY A 299 2.73 9.40 -5.46
CA GLY A 299 2.39 8.60 -4.30
C GLY A 299 2.95 7.19 -4.45
N ASP A 300 2.97 6.44 -3.36
CA ASP A 300 3.61 5.13 -3.39
C ASP A 300 2.68 3.96 -3.09
N ASP A 301 1.40 4.20 -2.84
CA ASP A 301 0.60 3.09 -2.34
C ASP A 301 -0.87 3.12 -2.77
N ILE A 302 -1.51 4.29 -2.78
CA ILE A 302 -2.94 4.40 -3.06
C ILE A 302 -3.17 5.48 -4.11
N ALA A 303 -3.99 5.18 -5.11
CA ALA A 303 -4.32 6.14 -6.13
C ALA A 303 -5.83 6.21 -6.26
N TRP A 304 -6.36 7.41 -6.37
CA TRP A 304 -7.74 7.64 -6.74
C TRP A 304 -7.75 8.21 -8.15
N ILE A 305 -8.53 7.61 -9.05
CA ILE A 305 -8.42 7.90 -10.48
C ILE A 305 -9.81 8.09 -11.06
N LYS A 306 -9.97 9.12 -11.89
CA LYS A 306 -11.24 9.23 -12.62
C LYS A 306 -11.05 9.76 -14.03
N PRO A 307 -11.93 9.40 -14.94
CA PRO A 307 -11.82 9.89 -16.32
C PRO A 307 -12.37 11.31 -16.44
N ALA A 308 -11.81 12.05 -17.39
CA ALA A 308 -12.25 13.40 -17.70
C ALA A 308 -12.89 13.42 -19.09
N ALA A 309 -13.59 14.52 -19.38
CA ALA A 309 -14.22 14.66 -20.69
C ALA A 309 -13.18 14.64 -21.81
N ASP A 310 -11.94 15.02 -21.51
CA ASP A 310 -10.91 15.01 -22.55
C ASP A 310 -10.42 13.62 -22.91
N GLY A 311 -10.97 12.56 -22.31
CA GLY A 311 -10.54 11.20 -22.62
C GLY A 311 -9.31 10.72 -21.87
N LYS A 312 -8.81 11.49 -20.92
CA LYS A 312 -7.68 11.10 -20.09
C LYS A 312 -8.16 10.64 -18.73
N LEU A 313 -7.30 9.84 -18.06
CA LEU A 313 -7.55 9.40 -16.69
C LEU A 313 -6.65 10.19 -15.76
N TYR A 314 -7.23 10.85 -14.77
CA TYR A 314 -6.49 11.70 -13.84
C TYR A 314 -6.41 11.00 -12.48
N ALA A 315 -5.20 10.93 -11.93
CA ALA A 315 -4.94 10.24 -10.67
C ALA A 315 -4.46 11.23 -9.60
N ILE A 316 -4.92 11.03 -8.35
CA ILE A 316 -4.33 11.73 -7.21
C ILE A 316 -3.92 10.70 -6.17
N ASN A 317 -2.96 11.10 -5.33
CA ASN A 317 -2.56 10.32 -4.17
C ASN A 317 -3.29 10.87 -2.94
N PRO A 318 -4.20 10.12 -2.31
CA PRO A 318 -4.92 10.66 -1.15
C PRO A 318 -4.13 10.69 0.15
N GLU A 319 -2.96 10.04 0.22
CA GLU A 319 -2.15 10.02 1.43
C GLU A 319 -1.22 11.23 1.51
N ALA A 320 -0.64 11.42 2.69
CA ALA A 320 0.31 12.50 2.94
C ALA A 320 1.70 12.01 3.28
N GLY A 321 1.89 10.70 3.42
CA GLY A 321 3.20 10.17 3.73
C GLY A 321 3.39 8.77 3.21
N TYR A 322 4.51 8.14 3.58
CA TYR A 322 4.87 6.80 3.19
C TYR A 322 4.93 5.93 4.44
N PHE A 323 4.29 4.77 4.39
CA PHE A 323 4.37 3.76 5.45
C PHE A 323 5.04 2.55 4.83
N GLY A 324 6.37 2.59 4.72
CA GLY A 324 7.10 1.71 3.83
C GLY A 324 7.83 0.58 4.53
N VAL A 325 7.92 -0.56 3.83
CA VAL A 325 8.75 -1.68 4.26
C VAL A 325 10.20 -1.25 4.38
N ALA A 326 10.81 -1.53 5.53
CA ALA A 326 12.19 -1.12 5.74
C ALA A 326 13.21 -2.13 5.19
N PRO A 327 13.13 -3.43 5.54
CA PRO A 327 14.19 -4.35 5.08
C PRO A 327 14.42 -4.28 3.58
N GLY A 328 15.69 -4.37 3.21
CA GLY A 328 16.10 -4.28 1.84
C GLY A 328 16.52 -2.89 1.42
N THR A 329 16.18 -1.87 2.21
CA THR A 329 16.41 -0.48 1.81
C THR A 329 17.85 -0.07 2.14
N ASN A 330 18.55 0.45 1.14
CA ASN A 330 19.90 0.98 1.34
C ASN A 330 20.18 1.97 0.21
N MET A 331 21.41 2.48 0.18
CA MET A 331 21.72 3.52 -0.81
C MET A 331 21.80 2.98 -2.23
N LEU A 332 21.84 1.67 -2.42
N LEU A 332 21.87 1.67 -2.44
CA LEU A 332 21.83 1.10 -3.76
CA LEU A 332 21.79 1.14 -3.79
C LEU A 332 20.43 0.72 -4.23
C LEU A 332 20.35 0.89 -4.21
N THR A 333 19.57 0.24 -3.34
CA THR A 333 18.23 -0.18 -3.73
C THR A 333 17.25 0.98 -3.76
N ASN A 334 17.35 1.91 -2.81
CA ASN A 334 16.37 2.99 -2.76
C ASN A 334 16.96 4.20 -2.06
N PRO A 335 17.91 4.90 -2.67
CA PRO A 335 18.53 6.05 -1.99
C PRO A 335 17.56 7.18 -1.66
N ASN A 336 16.52 7.42 -2.47
CA ASN A 336 15.57 8.47 -2.10
C ASN A 336 14.84 8.12 -0.80
N CYS A 337 14.58 6.82 -0.58
CA CYS A 337 13.99 6.42 0.68
C CYS A 337 14.96 6.60 1.84
N MET A 338 16.23 6.20 1.64
CA MET A 338 17.25 6.38 2.68
C MET A 338 17.35 7.85 3.09
N LEU A 339 17.33 8.75 2.10
CA LEU A 339 17.39 10.16 2.41
C LEU A 339 16.09 10.63 3.08
N SER A 340 14.95 10.07 2.68
CA SER A 340 13.68 10.47 3.29
C SER A 340 13.68 10.20 4.79
N VAL A 341 14.22 9.06 5.21
CA VAL A 341 14.11 8.68 6.61
C VAL A 341 15.32 9.14 7.41
N ARG A 342 16.03 10.16 6.93
N ARG A 342 16.02 10.17 6.91
CA ARG A 342 17.14 10.70 7.71
CA ARG A 342 17.11 10.78 7.65
C ARG A 342 16.68 11.34 9.02
C ARG A 342 16.66 11.30 9.01
N GLY A 343 15.41 11.74 9.11
CA GLY A 343 14.89 12.27 10.35
C GLY A 343 13.40 12.45 10.24
N ASN A 344 12.79 12.88 11.36
CA ASN A 344 11.35 13.13 11.41
C ASN A 344 10.55 11.88 11.03
N THR A 345 11.07 10.70 11.42
CA THR A 345 10.53 9.41 11.02
C THR A 345 10.15 8.60 12.26
N ILE A 346 9.12 7.76 12.12
CA ILE A 346 8.79 6.72 13.09
C ILE A 346 9.19 5.38 12.47
N PHE A 347 9.98 4.60 13.19
CA PHE A 347 10.34 3.26 12.74
C PHE A 347 9.61 2.26 13.63
N THR A 348 9.10 1.18 13.01
CA THR A 348 8.38 0.15 13.74
C THR A 348 9.01 -1.21 13.46
N ASN A 349 9.50 -1.85 14.53
CA ASN A 349 10.04 -3.22 14.50
C ASN A 349 11.35 -3.35 13.73
N VAL A 350 12.13 -2.28 13.66
CA VAL A 350 13.51 -2.47 13.22
C VAL A 350 14.41 -2.62 14.45
N ALA A 351 15.71 -2.72 14.23
CA ALA A 351 16.67 -2.98 15.29
C ALA A 351 17.31 -1.68 15.77
N LEU A 352 17.91 -1.76 16.97
CA LEU A 352 18.48 -0.62 17.66
C LEU A 352 19.99 -0.80 17.81
N THR A 353 20.78 0.16 17.30
CA THR A 353 22.23 0.08 17.41
C THR A 353 22.71 0.58 18.77
N ASP A 354 23.96 0.25 19.08
CA ASP A 354 24.53 0.64 20.38
C ASP A 354 24.59 2.15 20.54
N ASP A 355 24.66 2.89 19.45
CA ASP A 355 24.71 4.35 19.47
C ASP A 355 23.34 4.99 19.33
N GLY A 356 22.25 4.20 19.39
CA GLY A 356 20.92 4.76 19.37
C GLY A 356 20.38 5.08 18.01
N ASP A 357 20.89 4.44 16.95
CA ASP A 357 20.35 4.57 15.61
C ASP A 357 19.56 3.30 15.30
N VAL A 358 18.99 3.24 14.10
CA VAL A 358 18.22 2.08 13.69
C VAL A 358 19.01 1.30 12.64
N TRP A 359 18.66 0.02 12.51
CA TRP A 359 19.28 -0.88 11.54
C TRP A 359 18.24 -1.89 11.08
N TRP A 360 18.34 -2.28 9.81
CA TRP A 360 17.55 -3.37 9.25
C TRP A 360 18.38 -4.11 8.21
N GLU A 361 18.06 -5.40 8.02
CA GLU A 361 18.71 -6.20 6.98
C GLU A 361 18.70 -5.45 5.65
N GLY A 362 19.85 -5.42 4.99
CA GLY A 362 20.05 -4.62 3.80
C GLY A 362 20.93 -3.42 4.04
N MET A 363 20.92 -2.86 5.25
CA MET A 363 21.75 -1.68 5.46
C MET A 363 23.23 -2.02 5.40
N GLU A 364 23.61 -3.28 5.60
CA GLU A 364 25.03 -3.65 5.54
C GLU A 364 25.63 -3.42 4.15
N GLN A 365 24.80 -3.28 3.11
N GLN A 365 24.79 -3.30 3.11
CA GLN A 365 25.38 -3.01 1.80
CA GLN A 365 25.26 -2.95 1.78
C GLN A 365 26.04 -1.64 1.72
C GLN A 365 26.11 -1.68 1.80
N ASP A 366 25.79 -0.76 2.70
CA ASP A 366 26.46 0.54 2.76
C ASP A 366 27.54 0.60 3.82
N ALA A 367 27.81 -0.50 4.48
CA ALA A 367 28.68 -0.49 5.65
C ALA A 367 30.12 -0.79 5.26
N PRO A 368 31.07 -0.30 6.06
CA PRO A 368 32.48 -0.69 5.87
C PRO A 368 32.60 -2.21 5.79
N GLY A 369 33.26 -2.66 4.73
CA GLY A 369 33.42 -4.08 4.47
C GLY A 369 32.11 -4.79 4.21
N LYS A 370 31.03 -4.03 4.04
CA LYS A 370 29.69 -4.58 3.83
C LYS A 370 29.34 -5.57 4.94
N ALA A 371 29.78 -5.27 6.16
CA ALA A 371 29.64 -6.17 7.29
C ALA A 371 28.46 -5.80 8.17
N LEU A 372 27.93 -6.82 8.85
CA LEU A 372 26.84 -6.63 9.80
C LEU A 372 27.34 -5.92 11.06
N PRO A 373 26.45 -5.20 11.76
CA PRO A 373 26.84 -4.59 13.04
C PRO A 373 27.26 -5.64 14.05
N ASP A 374 28.21 -5.25 14.91
CA ASP A 374 28.74 -6.19 15.90
C ASP A 374 27.67 -6.63 16.90
N HIS A 375 26.74 -5.73 17.23
CA HIS A 375 25.72 -6.00 18.21
C HIS A 375 24.52 -5.10 17.98
N LEU A 376 23.32 -5.64 18.15
CA LEU A 376 22.09 -4.88 18.07
C LEU A 376 21.12 -5.40 19.13
N ILE A 377 20.09 -4.60 19.40
CA ILE A 377 18.90 -5.06 20.08
C ILE A 377 17.84 -5.29 19.00
N ASP A 378 17.43 -6.54 18.83
CA ASP A 378 16.51 -6.81 17.73
C ASP A 378 15.10 -6.35 18.11
N TRP A 379 14.17 -6.50 17.17
CA TRP A 379 12.83 -5.96 17.35
C TRP A 379 12.08 -6.65 18.49
N GLN A 380 12.55 -7.79 18.99
CA GLN A 380 11.96 -8.43 20.15
C GLN A 380 12.69 -8.10 21.45
N GLY A 381 13.64 -7.17 21.42
CA GLY A 381 14.37 -6.79 22.62
C GLY A 381 15.53 -7.69 22.96
N LYS A 382 15.85 -8.65 22.11
CA LYS A 382 16.92 -9.61 22.37
C LYS A 382 18.24 -9.10 21.83
N ASP A 383 19.32 -9.51 22.48
CA ASP A 383 20.64 -9.31 21.90
C ASP A 383 20.75 -10.02 20.56
N TRP A 384 21.39 -9.36 19.61
CA TRP A 384 21.60 -9.88 18.27
C TRP A 384 23.04 -9.61 17.87
N THR A 385 23.66 -10.57 17.21
CA THR A 385 25.03 -10.47 16.74
C THR A 385 25.14 -11.18 15.41
N PRO A 386 26.21 -10.92 14.64
CA PRO A 386 26.40 -11.70 13.41
C PRO A 386 26.50 -13.20 13.67
N GLN A 387 27.02 -13.60 14.82
CA GLN A 387 27.10 -15.03 15.13
C GLN A 387 25.72 -15.63 15.30
N ILE A 388 24.85 -14.96 16.06
CA ILE A 388 23.46 -15.41 16.19
C ILE A 388 22.79 -15.48 14.82
N ALA A 389 22.99 -14.47 13.99
CA ALA A 389 22.36 -14.46 12.67
C ALA A 389 22.89 -15.61 11.80
N LYS A 390 24.20 -15.88 11.88
CA LYS A 390 24.80 -16.97 11.13
C LYS A 390 24.28 -18.32 11.60
N GLU A 391 24.09 -18.47 12.90
CA GLU A 391 23.74 -19.78 13.44
C GLU A 391 22.24 -20.04 13.46
N THR A 392 21.41 -19.00 13.57
CA THR A 392 19.97 -19.19 13.69
C THR A 392 19.15 -18.48 12.63
N GLY A 393 19.76 -17.59 11.84
CA GLY A 393 18.98 -16.83 10.87
C GLY A 393 18.08 -15.77 11.49
N ALA A 394 18.22 -15.49 12.78
CA ALA A 394 17.40 -14.47 13.44
C ALA A 394 17.52 -13.14 12.70
N LYS A 395 16.37 -12.55 12.40
CA LYS A 395 16.31 -11.24 11.76
C LYS A 395 16.33 -10.16 12.84
N ALA A 396 17.23 -9.19 12.70
CA ALA A 396 17.23 -8.08 13.66
C ALA A 396 16.00 -7.19 13.50
N ALA A 397 15.57 -6.95 12.25
CA ALA A 397 14.35 -6.23 11.95
C ALA A 397 13.30 -7.22 11.45
N HIS A 398 12.05 -7.04 11.88
CA HIS A 398 10.99 -7.93 11.41
C HIS A 398 10.85 -7.76 9.90
N PRO A 399 10.54 -8.84 9.17
CA PRO A 399 10.42 -8.73 7.70
C PRO A 399 9.36 -7.73 7.23
N ASN A 400 8.37 -7.42 8.07
CA ASN A 400 7.37 -6.40 7.76
C ASN A 400 7.57 -5.13 8.59
N SER A 401 8.79 -4.89 9.07
CA SER A 401 9.05 -3.64 9.77
C SER A 401 8.89 -2.45 8.82
N ARG A 402 8.49 -1.31 9.38
CA ARG A 402 8.03 -0.19 8.57
C ARG A 402 8.66 1.10 9.06
N PHE A 403 8.84 2.05 8.14
CA PHE A 403 9.06 3.44 8.50
C PHE A 403 7.81 4.25 8.17
N THR A 404 7.57 5.32 8.94
CA THR A 404 6.49 6.25 8.65
C THR A 404 7.12 7.63 8.48
N VAL A 405 6.95 8.24 7.30
CA VAL A 405 7.66 9.48 7.00
C VAL A 405 6.81 10.36 6.08
N ALA A 406 6.91 11.67 6.29
CA ALA A 406 6.14 12.61 5.47
C ALA A 406 6.62 12.61 4.03
N ALA A 407 5.66 12.76 3.10
CA ALA A 407 6.05 12.79 1.69
C ALA A 407 7.05 13.90 1.42
N THR A 408 6.95 15.02 2.15
CA THR A 408 7.83 16.16 1.89
C THR A 408 9.28 15.88 2.24
N ASN A 409 9.60 14.79 2.96
CA ASN A 409 10.99 14.39 3.18
C ASN A 409 11.64 13.81 1.93
N ASN A 410 10.86 13.43 0.92
CA ASN A 410 11.37 12.72 -0.24
C ASN A 410 12.02 13.70 -1.21
N PRO A 411 13.32 13.59 -1.48
CA PRO A 411 13.96 14.51 -2.43
C PRO A 411 13.39 14.44 -3.83
N ALA A 412 12.82 13.30 -4.20
CA ALA A 412 12.26 13.12 -5.53
C ALA A 412 10.76 13.42 -5.56
N LEU A 413 10.24 14.08 -4.54
CA LEU A 413 8.80 14.38 -4.50
C LEU A 413 8.41 15.22 -5.70
N ASP A 414 7.34 14.79 -6.38
CA ASP A 414 6.86 15.55 -7.54
C ASP A 414 6.20 16.85 -7.09
N SER A 415 6.39 17.91 -7.88
CA SER A 415 5.79 19.18 -7.51
C SER A 415 4.27 19.14 -7.55
N ALA A 416 3.67 18.20 -8.29
CA ALA A 416 2.22 18.06 -8.31
C ALA A 416 1.71 16.97 -7.36
N TRP A 417 2.53 16.55 -6.39
CA TRP A 417 2.14 15.42 -5.55
C TRP A 417 0.87 15.71 -4.76
N ASP A 418 0.58 16.97 -4.47
CA ASP A 418 -0.63 17.32 -3.73
C ASP A 418 -1.55 18.23 -4.55
N ASP A 419 -1.43 18.18 -5.87
CA ASP A 419 -2.28 18.96 -6.74
C ASP A 419 -3.62 18.25 -6.92
N PRO A 420 -4.73 18.83 -6.46
CA PRO A 420 -6.02 18.13 -6.55
C PRO A 420 -6.55 17.98 -7.96
N LYS A 421 -5.95 18.64 -8.94
CA LYS A 421 -6.31 18.41 -10.34
C LYS A 421 -5.79 17.09 -10.87
N GLY A 422 -4.86 16.45 -10.17
CA GLY A 422 -4.39 15.14 -10.56
C GLY A 422 -3.42 15.22 -11.72
N VAL A 423 -2.88 14.04 -12.07
CA VAL A 423 -1.99 13.89 -13.20
C VAL A 423 -2.60 12.88 -14.16
N ALA A 424 -2.38 13.10 -15.46
CA ALA A 424 -2.93 12.19 -16.47
C ALA A 424 -2.05 10.95 -16.58
N ILE A 425 -2.69 9.79 -16.57
CA ILE A 425 -1.97 8.52 -16.55
C ILE A 425 -1.73 8.06 -17.99
N ASP A 426 -0.48 7.86 -18.36
CA ASP A 426 -0.16 7.42 -19.71
C ASP A 426 -0.06 5.91 -19.81
N ALA A 427 0.16 5.22 -18.71
CA ALA A 427 0.25 3.76 -18.73
C ALA A 427 -0.02 3.23 -17.34
N PHE A 428 -0.59 2.03 -17.30
CA PHE A 428 -0.75 1.25 -16.08
C PHE A 428 0.25 0.08 -16.12
N ILE A 429 0.74 -0.29 -14.95
CA ILE A 429 1.61 -1.45 -14.79
C ILE A 429 1.03 -2.34 -13.70
N PHE A 430 0.94 -3.64 -13.98
CA PHE A 430 0.54 -4.63 -12.99
C PHE A 430 1.63 -5.67 -12.87
N GLY A 431 1.89 -6.14 -11.66
CA GLY A 431 2.88 -7.20 -11.59
C GLY A 431 2.90 -7.82 -10.22
N GLY A 432 2.97 -9.16 -10.17
CA GLY A 432 3.10 -9.87 -8.92
C GLY A 432 4.50 -10.45 -8.74
N ARG A 433 4.71 -10.97 -7.53
CA ARG A 433 5.95 -11.65 -7.16
C ARG A 433 5.86 -13.07 -7.70
N ARG A 434 6.50 -13.35 -8.84
CA ARG A 434 6.42 -14.69 -9.44
C ARG A 434 7.81 -15.24 -9.69
N SER A 435 8.13 -16.36 -9.05
CA SER A 435 9.44 -16.99 -9.25
C SER A 435 9.59 -17.60 -10.63
N THR A 436 8.48 -17.93 -11.29
CA THR A 436 8.47 -18.61 -12.57
C THR A 436 7.48 -17.91 -13.49
N THR A 437 7.44 -18.37 -14.75
CA THR A 437 6.32 -18.18 -15.66
C THR A 437 6.20 -16.78 -16.28
N VAL A 438 6.09 -15.74 -15.48
CA VAL A 438 5.75 -14.41 -16.02
C VAL A 438 7.03 -13.73 -16.51
N PRO A 439 7.07 -13.24 -17.75
CA PRO A 439 8.27 -12.57 -18.24
C PRO A 439 8.43 -11.16 -17.67
N LEU A 440 9.59 -10.58 -17.95
CA LEU A 440 9.99 -9.30 -17.36
C LEU A 440 8.99 -8.18 -17.65
N VAL A 441 8.54 -8.06 -18.90
CA VAL A 441 7.59 -6.99 -19.24
C VAL A 441 6.85 -7.37 -20.52
N THR A 442 5.53 -7.15 -20.50
CA THR A 442 4.63 -7.42 -21.61
C THR A 442 3.63 -6.28 -21.72
N GLU A 443 3.40 -5.80 -22.95
CA GLU A 443 2.37 -4.79 -23.22
C GLU A 443 1.10 -5.48 -23.71
N ALA A 444 -0.04 -5.16 -23.11
CA ALA A 444 -1.30 -5.74 -23.57
C ALA A 444 -1.70 -5.18 -24.94
N ARG A 445 -2.29 -6.05 -25.78
CA ARG A 445 -2.66 -5.63 -27.15
C ARG A 445 -3.90 -4.74 -27.17
N SER A 446 -4.74 -4.81 -26.16
CA SER A 446 -5.95 -4.01 -26.08
C SER A 446 -6.27 -3.77 -24.61
N TRP A 447 -7.20 -2.83 -24.38
CA TRP A 447 -7.68 -2.58 -23.01
C TRP A 447 -8.27 -3.84 -22.38
N VAL A 448 -9.08 -4.58 -23.14
CA VAL A 448 -9.69 -5.79 -22.60
C VAL A 448 -8.61 -6.81 -22.22
N GLU A 449 -7.61 -6.99 -23.08
CA GLU A 449 -6.53 -7.90 -22.73
C GLU A 449 -5.73 -7.41 -21.53
N GLY A 450 -5.58 -6.10 -21.37
CA GLY A 450 -4.91 -5.59 -20.18
C GLY A 450 -5.71 -5.83 -18.92
N VAL A 451 -7.02 -5.60 -18.97
CA VAL A 451 -7.88 -5.94 -17.85
C VAL A 451 -7.77 -7.43 -17.53
N TYR A 452 -7.67 -8.28 -18.56
CA TYR A 452 -7.48 -9.70 -18.34
C TYR A 452 -6.18 -9.99 -17.58
N MET A 453 -5.07 -9.40 -18.07
N MET A 453 -5.08 -9.36 -17.99
CA MET A 453 -3.78 -9.46 -17.37
CA MET A 453 -3.85 -9.68 -17.29
C MET A 453 -3.95 -9.14 -15.90
C MET A 453 -3.81 -9.08 -15.88
N ALA A 454 -4.54 -7.99 -15.62
CA ALA A 454 -4.66 -7.50 -14.25
C ALA A 454 -5.58 -8.40 -13.42
N ALA A 455 -6.67 -8.86 -14.03
CA ALA A 455 -7.64 -9.68 -13.30
C ALA A 455 -7.07 -11.03 -12.91
N THR A 456 -6.14 -11.59 -13.69
CA THR A 456 -5.64 -12.95 -13.49
C THR A 456 -4.25 -13.01 -12.88
N MET A 457 -3.65 -11.88 -12.51
CA MET A 457 -2.27 -11.93 -12.04
C MET A 457 -2.17 -12.73 -10.75
N GLY A 458 -1.06 -13.45 -10.60
CA GLY A 458 -0.76 -14.15 -9.36
C GLY A 458 0.44 -13.52 -8.66
N SER A 459 0.64 -13.91 -7.41
CA SER A 459 1.74 -13.35 -6.64
C SER A 459 1.98 -14.22 -5.41
N GLU A 460 3.25 -14.31 -5.01
CA GLU A 460 3.59 -15.08 -3.83
C GLU A 460 3.36 -14.24 -2.59
N THR A 461 2.70 -14.84 -1.60
CA THR A 461 2.35 -14.11 -0.38
C THR A 461 3.62 -13.59 0.30
N THR A 462 3.45 -12.51 1.07
CA THR A 462 4.57 -11.84 1.71
C THR A 462 4.26 -11.64 3.19
N ALA A 463 5.23 -11.06 3.90
CA ALA A 463 5.08 -10.81 5.32
C ALA A 463 4.15 -9.64 5.63
N ALA A 464 3.58 -8.96 4.62
CA ALA A 464 2.71 -7.84 4.90
C ALA A 464 1.38 -8.27 5.52
N ALA A 465 1.03 -9.55 5.44
CA ALA A 465 -0.08 -10.11 6.19
C ALA A 465 0.38 -11.38 6.88
N THR A 466 -0.36 -11.79 7.92
CA THR A 466 0.01 -13.02 8.61
C THR A 466 -0.23 -14.22 7.71
N GLY A 467 0.39 -15.34 8.05
CA GLY A 467 0.22 -16.58 7.32
C GLY A 467 1.49 -16.95 6.58
N GLN A 468 1.40 -18.08 5.86
CA GLN A 468 2.58 -18.64 5.23
C GLN A 468 3.00 -17.80 4.04
N ALA A 469 4.23 -17.28 4.08
CA ALA A 469 4.76 -16.49 2.98
C ALA A 469 5.27 -17.41 1.88
N GLY A 470 5.37 -16.86 0.67
CA GLY A 470 5.98 -17.57 -0.44
C GLY A 470 5.05 -18.47 -1.22
N VAL A 471 3.74 -18.38 -0.99
CA VAL A 471 2.74 -19.23 -1.64
C VAL A 471 2.06 -18.42 -2.75
N VAL A 472 2.03 -18.97 -3.97
CA VAL A 472 1.35 -18.28 -5.07
C VAL A 472 -0.14 -18.25 -4.81
N ARG A 473 -0.75 -17.08 -5.02
CA ARG A 473 -2.20 -16.97 -4.99
C ARG A 473 -2.61 -15.98 -6.07
N ARG A 474 -3.88 -16.05 -6.46
CA ARG A 474 -4.42 -15.03 -7.34
C ARG A 474 -4.60 -13.75 -6.55
N ASP A 475 -4.19 -12.63 -7.13
CA ASP A 475 -4.27 -11.32 -6.50
C ASP A 475 -4.69 -10.32 -7.56
N PRO A 476 -5.97 -10.33 -7.95
CA PRO A 476 -6.42 -9.48 -9.06
C PRO A 476 -6.16 -8.01 -8.76
N PHE A 477 -5.46 -7.35 -9.68
CA PHE A 477 -5.18 -5.90 -9.61
C PHE A 477 -4.41 -5.51 -8.35
N ALA A 478 -3.76 -6.47 -7.70
CA ALA A 478 -3.12 -6.27 -6.39
C ALA A 478 -4.11 -5.84 -5.32
N MET A 479 -5.39 -6.14 -5.53
CA MET A 479 -6.46 -5.69 -4.63
C MET A 479 -7.12 -6.83 -3.86
N LEU A 480 -6.55 -8.04 -3.88
CA LEU A 480 -7.19 -9.14 -3.14
C LEU A 480 -7.51 -8.77 -1.70
N PRO A 481 -6.61 -8.13 -0.93
CA PRO A 481 -6.95 -7.80 0.46
C PRO A 481 -7.80 -6.55 0.61
N PHE A 482 -8.10 -5.84 -0.48
CA PHE A 482 -8.55 -4.46 -0.37
C PHE A 482 -9.80 -4.12 -1.17
N MET A 483 -10.32 -5.04 -1.97
CA MET A 483 -11.50 -4.74 -2.79
C MET A 483 -12.74 -4.66 -1.90
N GLY A 484 -13.48 -3.56 -2.02
CA GLY A 484 -14.58 -3.32 -1.11
C GLY A 484 -15.92 -3.89 -1.52
N TYR A 485 -15.98 -4.58 -2.65
CA TYR A 485 -17.22 -5.17 -3.16
C TYR A 485 -16.84 -6.39 -4.00
N ASN A 486 -17.82 -6.95 -4.71
CA ASN A 486 -17.58 -8.17 -5.47
C ASN A 486 -16.54 -7.92 -6.57
N MET A 487 -15.49 -8.75 -6.57
CA MET A 487 -14.37 -8.60 -7.49
C MET A 487 -14.79 -8.68 -8.95
N SER A 488 -15.80 -9.49 -9.29
CA SER A 488 -16.23 -9.55 -10.68
C SER A 488 -16.89 -8.26 -11.13
N ASP A 489 -17.65 -7.60 -10.24
CA ASP A 489 -18.21 -6.29 -10.56
C ASP A 489 -17.11 -5.27 -10.77
N TYR A 490 -16.01 -5.40 -10.03
CA TYR A 490 -14.89 -4.49 -10.18
C TYR A 490 -14.19 -4.69 -11.52
N PHE A 491 -14.06 -5.95 -11.97
CA PHE A 491 -13.59 -6.19 -13.33
C PHE A 491 -14.47 -5.46 -14.35
N GLN A 492 -15.79 -5.56 -14.17
CA GLN A 492 -16.70 -4.91 -15.09
C GLN A 492 -16.54 -3.40 -15.07
N HIS A 493 -16.30 -2.84 -13.87
CA HIS A 493 -16.05 -1.41 -13.73
C HIS A 493 -14.86 -0.98 -14.59
N TRP A 494 -13.78 -1.77 -14.57
CA TRP A 494 -12.60 -1.44 -15.37
C TRP A 494 -12.89 -1.57 -16.86
N LEU A 495 -13.67 -2.57 -17.26
CA LEU A 495 -14.03 -2.69 -18.68
C LEU A 495 -14.91 -1.50 -19.12
N ASP A 496 -15.88 -1.12 -18.28
CA ASP A 496 -16.76 -0.01 -18.62
C ASP A 496 -16.00 1.30 -18.66
N LEU A 497 -15.02 1.49 -17.77
CA LEU A 497 -14.20 2.69 -17.82
C LEU A 497 -13.48 2.81 -19.14
N GLY A 498 -12.91 1.70 -19.63
CA GLY A 498 -12.21 1.74 -20.90
C GLY A 498 -13.11 2.15 -22.05
N LYS A 499 -14.35 1.63 -22.07
CA LYS A 499 -15.29 2.02 -23.13
C LYS A 499 -15.61 3.50 -23.08
N LYS A 500 -15.79 4.06 -21.88
CA LYS A 500 -16.02 5.50 -21.74
C LYS A 500 -14.86 6.31 -22.29
N LEU A 501 -13.63 5.90 -22.00
CA LEU A 501 -12.47 6.62 -22.53
C LEU A 501 -12.41 6.51 -24.04
N ALA A 502 -12.66 5.33 -24.58
CA ALA A 502 -12.51 5.16 -26.01
C ALA A 502 -13.57 5.95 -26.77
N ALA A 503 -14.76 6.13 -26.19
CA ALA A 503 -15.83 6.84 -26.87
C ALA A 503 -15.54 8.32 -27.06
N SER A 504 -14.55 8.86 -26.34
CA SER A 504 -14.10 10.22 -26.58
C SER A 504 -13.25 10.37 -27.84
N GLY A 505 -12.80 9.26 -28.42
CA GLY A 505 -11.83 9.31 -29.49
C GLY A 505 -10.37 9.22 -29.06
N ALA A 506 -10.12 9.21 -27.76
CA ALA A 506 -8.76 9.17 -27.26
C ALA A 506 -8.13 7.80 -27.48
N THR A 507 -6.79 7.79 -27.45
CA THR A 507 -6.04 6.55 -27.32
C THR A 507 -5.98 6.19 -25.84
N LEU A 508 -6.28 4.93 -25.53
CA LEU A 508 -6.32 4.55 -24.12
C LEU A 508 -4.90 4.38 -23.57
N PRO A 509 -4.72 4.59 -22.26
CA PRO A 509 -3.43 4.25 -21.64
C PRO A 509 -3.08 2.79 -21.90
N LYS A 510 -1.80 2.51 -22.15
CA LYS A 510 -1.41 1.13 -22.31
C LYS A 510 -1.35 0.43 -20.95
N ILE A 511 -1.49 -0.89 -20.98
CA ILE A 511 -1.43 -1.72 -19.78
C ILE A 511 -0.27 -2.70 -19.94
N TYR A 512 0.62 -2.71 -18.96
CA TYR A 512 1.79 -3.59 -18.95
C TYR A 512 1.69 -4.57 -17.80
N THR A 513 2.24 -5.77 -18.01
N THR A 513 2.26 -5.76 -17.98
CA THR A 513 2.55 -6.70 -16.95
CA THR A 513 2.52 -6.68 -16.88
C THR A 513 4.06 -6.73 -16.76
C THR A 513 4.02 -6.87 -16.74
N THR A 514 4.52 -6.73 -15.51
CA THR A 514 5.95 -6.84 -15.24
C THR A 514 6.18 -7.95 -14.23
N ASN A 515 7.42 -8.44 -14.19
CA ASN A 515 7.84 -9.37 -13.15
C ASN A 515 9.30 -9.10 -12.81
N TRP A 516 9.54 -8.54 -11.63
CA TRP A 516 10.93 -8.34 -11.21
C TRP A 516 11.53 -9.58 -10.55
N PHE A 517 10.75 -10.64 -10.34
CA PHE A 517 11.07 -11.58 -9.27
C PHE A 517 11.30 -13.02 -9.72
N ARG A 518 11.62 -13.25 -10.99
N ARG A 518 11.60 -13.25 -11.00
CA ARG A 518 12.00 -14.59 -11.42
CA ARG A 518 11.99 -14.61 -11.43
C ARG A 518 13.25 -15.06 -10.68
C ARG A 518 13.22 -15.06 -10.66
N LYS A 519 13.25 -16.32 -10.28
CA LYS A 519 14.36 -16.88 -9.52
C LYS A 519 15.11 -17.92 -10.34
N GLY A 520 16.39 -18.06 -10.02
CA GLY A 520 17.24 -19.07 -10.60
C GLY A 520 17.23 -20.35 -9.77
N THR A 521 18.07 -21.31 -10.18
CA THR A 521 18.03 -22.62 -9.53
C THR A 521 18.42 -22.56 -8.06
N ASP A 522 19.15 -21.52 -7.65
CA ASP A 522 19.52 -21.35 -6.25
C ASP A 522 18.54 -20.48 -5.47
N GLY A 523 17.44 -20.07 -6.09
CA GLY A 523 16.48 -19.23 -5.42
C GLY A 523 16.83 -17.76 -5.37
N LYS A 524 17.92 -17.34 -6.03
CA LYS A 524 18.25 -15.93 -6.12
C LYS A 524 17.56 -15.29 -7.33
N PHE A 525 17.40 -13.98 -7.27
CA PHE A 525 16.70 -13.27 -8.34
C PHE A 525 17.59 -13.15 -9.57
N VAL A 526 17.00 -13.47 -10.73
CA VAL A 526 17.73 -13.40 -11.99
C VAL A 526 17.83 -11.95 -12.48
N TRP A 527 16.84 -11.14 -12.21
CA TRP A 527 16.83 -9.75 -12.65
C TRP A 527 17.24 -8.86 -11.49
N PRO A 528 18.17 -7.93 -11.68
CA PRO A 528 18.64 -7.13 -10.53
C PRO A 528 17.59 -6.20 -9.96
N GLY A 529 16.71 -5.65 -10.79
CA GLY A 529 15.63 -4.86 -10.22
C GLY A 529 16.10 -3.53 -9.63
N TYR A 530 15.23 -2.98 -8.77
CA TYR A 530 15.42 -1.69 -8.09
C TYR A 530 15.68 -0.61 -9.14
N GLY A 531 16.78 0.14 -9.08
CA GLY A 531 17.00 1.19 -10.06
C GLY A 531 17.08 0.67 -11.49
N GLU A 532 17.45 -0.61 -11.67
CA GLU A 532 17.53 -1.14 -13.02
C GLU A 532 16.15 -1.31 -13.65
N ASN A 533 15.08 -1.27 -12.85
CA ASN A 533 13.74 -1.26 -13.42
C ASN A 533 13.50 -0.02 -14.29
N MET A 534 14.35 1.00 -14.18
CA MET A 534 14.30 2.13 -15.11
C MET A 534 14.43 1.67 -16.56
N ARG A 535 15.19 0.61 -16.80
CA ARG A 535 15.41 0.16 -18.17
C ARG A 535 14.13 -0.38 -18.79
N VAL A 536 13.27 -0.98 -17.97
CA VAL A 536 11.96 -1.41 -18.42
C VAL A 536 11.05 -0.20 -18.60
N LEU A 537 11.02 0.70 -17.62
CA LEU A 537 10.20 1.90 -17.72
C LEU A 537 10.52 2.70 -18.99
N ALA A 538 11.80 2.81 -19.34
CA ALA A 538 12.20 3.56 -20.54
C ALA A 538 11.64 2.94 -21.81
N TRP A 539 11.53 1.61 -21.88
CA TRP A 539 10.87 0.97 -23.01
C TRP A 539 9.39 1.33 -23.05
N MET A 540 8.72 1.31 -21.89
CA MET A 540 7.32 1.75 -21.84
C MET A 540 7.16 3.17 -22.38
N ILE A 541 8.07 4.06 -22.01
CA ILE A 541 8.01 5.44 -22.51
C ILE A 541 8.19 5.46 -24.03
N ASP A 542 9.17 4.70 -24.55
CA ASP A 542 9.32 4.59 -26.01
C ASP A 542 8.02 4.13 -26.67
N ARG A 543 7.34 3.16 -26.07
CA ARG A 543 6.09 2.67 -26.65
C ARG A 543 4.99 3.73 -26.59
N ILE A 544 4.91 4.43 -25.47
CA ILE A 544 3.95 5.54 -25.37
C ILE A 544 4.16 6.53 -26.50
N GLU A 545 5.41 6.79 -26.86
CA GLU A 545 5.71 7.74 -27.92
C GLU A 545 5.58 7.14 -29.31
N GLY A 546 5.30 5.84 -29.41
CA GLY A 546 5.23 5.20 -30.71
C GLY A 546 6.58 4.99 -31.37
N LYS A 547 7.66 5.03 -30.59
CA LYS A 547 9.01 4.85 -31.10
C LYS A 547 9.68 3.57 -30.63
N GLY A 548 9.02 2.76 -29.82
CA GLY A 548 9.61 1.53 -29.31
C GLY A 548 9.15 0.33 -30.12
N GLN A 549 10.09 -0.55 -30.42
CA GLN A 549 9.75 -1.77 -31.12
C GLN A 549 9.43 -2.87 -30.13
N GLY A 550 8.78 -3.92 -30.62
CA GLY A 550 8.50 -5.07 -29.78
C GLY A 550 8.05 -6.22 -30.63
N GLU A 551 8.03 -7.41 -30.02
CA GLU A 551 7.64 -8.63 -30.72
C GLU A 551 6.34 -9.18 -30.13
N ASP A 552 5.49 -9.71 -31.00
CA ASP A 552 4.22 -10.24 -30.56
C ASP A 552 4.41 -11.67 -30.06
N HIS A 553 3.89 -11.95 -28.87
CA HIS A 553 3.92 -13.32 -28.36
C HIS A 553 2.58 -13.63 -27.74
N VAL A 554 2.51 -14.79 -27.08
CA VAL A 554 1.23 -15.33 -26.62
C VAL A 554 0.47 -14.29 -25.80
N THR A 555 1.13 -13.66 -24.83
CA THR A 555 0.42 -12.84 -23.87
C THR A 555 0.43 -11.34 -24.20
N GLY A 556 1.14 -10.93 -25.24
CA GLY A 556 1.21 -9.52 -25.57
C GLY A 556 2.51 -9.24 -26.32
N ILE A 557 2.94 -7.98 -26.25
CA ILE A 557 4.11 -7.52 -26.99
C ILE A 557 5.24 -7.26 -26.02
N SER A 558 6.44 -7.76 -26.34
CA SER A 558 7.59 -7.67 -25.44
C SER A 558 8.80 -7.11 -26.18
N PRO A 559 9.66 -6.39 -25.48
CA PRO A 559 10.86 -5.84 -26.13
C PRO A 559 11.83 -6.94 -26.48
N SER A 560 12.61 -6.71 -27.53
CA SER A 560 13.83 -7.49 -27.77
C SER A 560 14.97 -6.88 -26.98
N TYR A 561 16.05 -7.66 -26.85
CA TYR A 561 17.23 -7.20 -26.12
C TYR A 561 17.68 -5.82 -26.57
N GLU A 562 17.71 -5.61 -27.89
CA GLU A 562 18.22 -4.37 -28.48
C GLU A 562 17.29 -3.18 -28.26
N ASP A 563 16.07 -3.41 -27.78
CA ASP A 563 15.11 -2.33 -27.53
C ASP A 563 15.31 -1.68 -26.18
N LEU A 564 16.18 -2.21 -25.34
CA LEU A 564 16.46 -1.63 -24.05
C LEU A 564 17.88 -1.07 -24.01
N ASN A 565 18.07 -0.10 -23.13
CA ASN A 565 19.37 0.53 -22.88
C ASN A 565 20.10 -0.25 -21.79
N TRP A 566 21.24 -0.84 -22.14
CA TRP A 566 22.02 -1.64 -21.21
C TRP A 566 23.27 -0.93 -20.73
N THR A 567 23.46 0.32 -21.11
CA THR A 567 24.63 1.07 -20.67
C THR A 567 24.74 1.07 -19.16
N GLY A 568 25.88 0.64 -18.65
CA GLY A 568 26.13 0.62 -17.23
C GLY A 568 25.64 -0.61 -16.48
N LEU A 569 25.06 -1.59 -17.17
CA LEU A 569 24.59 -2.80 -16.52
C LEU A 569 25.11 -4.02 -17.27
N ASP A 570 25.74 -4.93 -16.55
CA ASP A 570 26.25 -6.16 -17.14
C ASP A 570 25.14 -7.21 -17.09
N PHE A 571 24.32 -7.23 -18.13
CA PHE A 571 23.19 -8.13 -18.22
C PHE A 571 23.11 -8.57 -19.68
N SER A 572 23.37 -9.85 -19.94
CA SER A 572 23.59 -10.32 -21.29
C SER A 572 22.28 -10.62 -22.02
N ALA A 573 22.40 -10.80 -23.34
CA ALA A 573 21.27 -11.26 -24.14
C ALA A 573 20.76 -12.61 -23.66
N ASP A 574 21.67 -13.49 -23.21
CA ASP A 574 21.23 -14.78 -22.70
C ASP A 574 20.43 -14.61 -21.42
N GLN A 575 20.89 -13.72 -20.53
CA GLN A 575 20.13 -13.46 -19.31
C GLN A 575 18.78 -12.85 -19.63
N PHE A 576 18.73 -11.96 -20.64
CA PHE A 576 17.47 -11.38 -21.08
C PHE A 576 16.53 -12.44 -21.63
N ASN A 577 17.04 -13.39 -22.42
N ASN A 577 17.05 -13.38 -22.41
CA ASN A 577 16.20 -14.44 -22.95
CA ASN A 577 16.21 -14.45 -22.95
C ASN A 577 15.55 -15.26 -21.84
C ASN A 577 15.56 -15.25 -21.84
N THR A 578 16.30 -15.51 -20.76
CA THR A 578 15.76 -16.28 -19.64
C THR A 578 14.53 -15.59 -19.05
N VAL A 579 14.61 -14.28 -18.80
CA VAL A 579 13.53 -13.59 -18.10
C VAL A 579 12.43 -13.11 -19.03
N THR A 580 12.59 -13.25 -20.36
CA THR A 580 11.54 -12.85 -21.29
C THR A 580 10.96 -13.98 -22.13
N SER A 581 11.55 -15.17 -22.12
CA SER A 581 10.98 -16.24 -22.94
C SER A 581 9.60 -16.63 -22.45
N ILE A 582 8.70 -16.92 -23.39
CA ILE A 582 7.37 -17.41 -23.07
C ILE A 582 7.44 -18.94 -23.10
N ASP A 583 7.23 -19.58 -21.96
CA ASP A 583 7.31 -21.03 -21.86
C ASP A 583 5.92 -21.60 -21.99
N LYS A 584 5.71 -22.42 -23.05
CA LYS A 584 4.37 -22.90 -23.33
C LYS A 584 3.80 -23.71 -22.18
N ALA A 585 4.60 -24.64 -21.63
CA ALA A 585 4.08 -25.50 -20.56
C ALA A 585 3.70 -24.70 -19.33
N ALA A 586 4.51 -23.71 -18.95
CA ALA A 586 4.21 -22.92 -17.76
C ALA A 586 2.95 -22.09 -17.96
N TRP A 587 2.73 -21.57 -19.17
CA TRP A 587 1.52 -20.79 -19.40
C TRP A 587 0.29 -21.67 -19.52
N LEU A 588 0.43 -22.90 -20.02
CA LEU A 588 -0.71 -23.81 -19.98
C LEU A 588 -1.15 -24.06 -18.53
N LYS A 589 -0.18 -24.32 -17.65
N LYS A 589 -0.19 -24.30 -17.64
CA LYS A 589 -0.49 -24.47 -16.24
CA LYS A 589 -0.51 -24.47 -16.23
C LYS A 589 -1.12 -23.21 -15.67
C LYS A 589 -1.12 -23.21 -15.64
N GLU A 590 -0.57 -22.05 -16.01
CA GLU A 590 -1.09 -20.78 -15.51
C GLU A 590 -2.54 -20.57 -15.94
N LEU A 591 -2.87 -20.89 -17.20
CA LEU A 591 -4.24 -20.65 -17.65
C LEU A 591 -5.24 -21.54 -16.93
N GLU A 592 -4.84 -22.74 -16.50
N GLU A 592 -4.82 -22.73 -16.51
CA GLU A 592 -5.75 -23.55 -15.70
CA GLU A 592 -5.69 -23.59 -15.70
C GLU A 592 -5.97 -22.94 -14.33
C GLU A 592 -5.93 -22.98 -14.31
N LEU A 593 -4.96 -22.26 -13.77
CA LEU A 593 -5.22 -21.51 -12.54
C LEU A 593 -6.14 -20.33 -12.79
N HIS A 594 -6.07 -19.71 -13.96
CA HIS A 594 -7.06 -18.67 -14.30
C HIS A 594 -8.45 -19.27 -14.36
N ALA A 595 -8.58 -20.47 -14.91
CA ALA A 595 -9.88 -21.13 -14.99
C ALA A 595 -10.46 -21.37 -13.60
N GLU A 596 -9.61 -21.74 -12.63
CA GLU A 596 -10.12 -21.92 -11.27
C GLU A 596 -10.60 -20.61 -10.68
N LEU A 597 -9.86 -19.52 -10.92
CA LEU A 597 -10.32 -18.21 -10.49
C LEU A 597 -11.67 -17.87 -11.10
N PHE A 598 -11.83 -18.13 -12.40
CA PHE A 598 -13.07 -17.77 -13.06
C PHE A 598 -14.25 -18.60 -12.56
N LYS A 599 -14.00 -19.85 -12.15
CA LYS A 599 -15.06 -20.61 -11.50
C LYS A 599 -15.45 -19.98 -10.17
N GLN A 600 -14.47 -19.59 -9.37
CA GLN A 600 -14.76 -19.00 -8.07
C GLN A 600 -15.52 -17.69 -8.24
N LEU A 601 -15.15 -16.90 -9.24
CA LEU A 601 -15.74 -15.58 -9.52
C LEU A 601 -16.85 -15.63 -10.56
N GLU A 602 -17.44 -16.81 -10.76
CA GLU A 602 -18.49 -17.01 -11.76
C GLU A 602 -19.55 -15.92 -11.73
N HIS A 603 -19.99 -15.52 -10.54
CA HIS A 603 -21.08 -14.55 -10.41
C HIS A 603 -20.67 -13.21 -11.00
N HIS A 604 -21.39 -12.76 -12.03
CA HIS A 604 -21.17 -11.47 -12.70
C HIS A 604 -19.81 -11.38 -13.40
N LEU A 605 -19.14 -12.50 -13.65
CA LEU A 605 -17.86 -12.44 -14.35
C LEU A 605 -18.07 -11.94 -15.77
N PRO A 606 -17.32 -10.92 -16.21
CA PRO A 606 -17.52 -10.41 -17.57
C PRO A 606 -17.16 -11.48 -18.59
N LYS A 607 -18.05 -11.67 -19.58
CA LYS A 607 -17.80 -12.67 -20.61
C LYS A 607 -16.50 -12.37 -21.37
N GLU A 608 -16.09 -11.09 -21.41
CA GLU A 608 -14.87 -10.71 -22.13
C GLU A 608 -13.65 -11.44 -21.61
N LEU A 609 -13.66 -11.82 -20.32
CA LEU A 609 -12.51 -12.51 -19.75
C LEU A 609 -12.39 -13.94 -20.26
N GLY A 610 -13.50 -14.67 -20.28
CA GLY A 610 -13.46 -16.01 -20.87
C GLY A 610 -13.10 -15.97 -22.34
N GLU A 611 -13.57 -14.95 -23.06
CA GLU A 611 -13.21 -14.83 -24.47
C GLU A 611 -11.72 -14.60 -24.63
N THR A 612 -11.13 -13.74 -23.78
CA THR A 612 -9.70 -13.50 -23.86
C THR A 612 -8.92 -14.74 -23.50
N LYS A 613 -9.35 -15.48 -22.47
CA LYS A 613 -8.67 -16.71 -22.10
C LYS A 613 -8.64 -17.69 -23.27
N ALA A 614 -9.76 -17.81 -23.99
CA ALA A 614 -9.80 -18.75 -25.10
C ALA A 614 -8.80 -18.37 -26.18
N GLU A 615 -8.65 -17.07 -26.44
CA GLU A 615 -7.68 -16.62 -27.44
C GLU A 615 -6.25 -16.94 -27.00
N ILE A 616 -5.94 -16.77 -25.72
CA ILE A 616 -4.59 -17.12 -25.26
C ILE A 616 -4.37 -18.61 -25.40
N GLU A 617 -5.38 -19.42 -25.08
CA GLU A 617 -5.28 -20.88 -25.24
C GLU A 617 -5.01 -21.25 -26.69
N ARG A 618 -5.68 -20.58 -27.64
CA ARG A 618 -5.38 -20.84 -29.05
C ARG A 618 -3.92 -20.54 -29.38
N ARG A 619 -3.42 -19.40 -28.90
N ARG A 619 -3.43 -19.38 -28.93
CA ARG A 619 -2.05 -19.02 -29.19
CA ARG A 619 -2.03 -19.04 -29.20
C ARG A 619 -1.05 -19.99 -28.59
C ARG A 619 -1.09 -20.10 -28.65
N LEU A 620 -1.40 -20.63 -27.46
CA LEU A 620 -0.51 -21.62 -26.85
C LEU A 620 -0.52 -22.93 -27.62
N ALA A 621 -1.67 -23.32 -28.15
CA ALA A 621 -1.78 -24.58 -28.89
C ALA A 621 -1.42 -24.43 -30.36
N ALA A 622 -1.15 -23.21 -30.84
CA ALA A 622 -0.86 -22.98 -32.25
C ALA A 622 0.42 -23.70 -32.69
#